data_1ZGA
#
_entry.id   1ZGA
#
_cell.length_a   71.217
_cell.length_b   71.217
_cell.length_c   188.907
_cell.angle_alpha   90.00
_cell.angle_beta   90.00
_cell.angle_gamma   90.00
#
_symmetry.space_group_name_H-M   'P 43 2 2'
#
loop_
_entity.id
_entity.type
_entity.pdbx_description
1 polymer "Isoflavanone 4'-O-methyltransferase'"
2 non-polymer (6AR,12AR)-6H-[1,3]DIOXOLO[5,6][1]BENZOFURO[3,2-C]CHROMENE-3,6A(12AH)-DIOL
3 non-polymer S-ADENOSYL-L-HOMOCYSTEINE
4 water water
#
_entity_poly.entity_id   1
_entity_poly.type   'polypeptide(L)'
_entity_poly.pdbx_seq_one_letter_code
;SEESELYHAQIHLYKHVYNFVSSMALKSAMELGIADAIHNHGKPMTLSELASSLKLHPSKVNILHRFLRLLTHNGFFAKT
IVKGKEGDEEEEIAYSLTPPSKLLISGKPTCLSSIVKGALHPSSLDMWSSSKKWFNEDKEQTLFECATGESFWDFLNKDS
ESSTLSMFQDAMASDSRMFKLVLQENKRVFEGLESLVDVGGGTGGVTKLIHEIFPHLKCTVFDQPQVVGNLTGNENLNFV
GGDMFKSIPSADAVLLKWVLHDWNDEQSLKILKNSKEAISHKGKDGKVIIIDISIDETSDDRGLTELQLDYDLVMLTMFL
GKERTKQEWEKLIYDAGFSSYKITPISGFKSLIEVYP
;
_entity_poly.pdbx_strand_id   A
#
# COMPACT_ATOMS: atom_id res chain seq x y z
N SER A 1 -40.79 21.33 -9.22
CA SER A 1 -39.68 21.34 -10.21
C SER A 1 -38.82 20.09 -10.10
N GLU A 2 -38.11 19.95 -8.98
CA GLU A 2 -37.24 18.80 -8.73
C GLU A 2 -36.07 18.73 -9.70
N GLU A 3 -36.09 19.62 -10.70
CA GLU A 3 -35.02 19.69 -11.70
C GLU A 3 -33.92 20.59 -11.17
N SER A 4 -34.27 21.37 -10.12
CA SER A 4 -33.34 22.29 -9.48
C SER A 4 -32.25 21.48 -8.79
N GLU A 5 -32.32 20.17 -9.00
CA GLU A 5 -31.37 19.22 -8.43
C GLU A 5 -30.13 19.25 -9.31
N LEU A 6 -30.30 19.79 -10.52
CA LEU A 6 -29.23 19.90 -11.50
C LEU A 6 -27.93 20.43 -10.93
N TYR A 7 -27.99 21.50 -10.16
CA TYR A 7 -26.78 22.07 -9.58
C TYR A 7 -26.13 21.09 -8.62
N HIS A 8 -26.89 20.66 -7.61
CA HIS A 8 -26.36 19.74 -6.63
C HIS A 8 -25.78 18.51 -7.36
N ALA A 9 -26.40 18.17 -8.49
CA ALA A 9 -25.99 17.04 -9.29
C ALA A 9 -24.72 17.32 -10.09
N GLN A 10 -24.63 18.51 -10.67
CA GLN A 10 -23.48 18.89 -11.46
C GLN A 10 -22.23 18.96 -10.59
N ILE A 11 -22.38 19.49 -9.38
CA ILE A 11 -21.26 19.62 -8.45
C ILE A 11 -20.63 18.25 -8.21
N HIS A 12 -21.48 17.29 -7.88
CA HIS A 12 -21.05 15.93 -7.60
C HIS A 12 -20.36 15.33 -8.82
N LEU A 13 -20.95 15.54 -9.99
CA LEU A 13 -20.41 15.03 -11.24
C LEU A 13 -19.05 15.63 -11.55
N TYR A 14 -18.94 16.96 -11.48
CA TYR A 14 -17.68 17.63 -11.79
C TYR A 14 -16.56 17.29 -10.82
N LYS A 15 -16.87 17.23 -9.54
CA LYS A 15 -15.87 16.90 -8.53
C LYS A 15 -15.19 15.57 -8.91
N HIS A 16 -15.98 14.60 -9.33
CA HIS A 16 -15.41 13.31 -9.71
C HIS A 16 -14.67 13.36 -11.05
N VAL A 17 -15.06 14.28 -11.92
CA VAL A 17 -14.39 14.42 -13.20
C VAL A 17 -12.99 14.97 -12.99
N TYR A 18 -12.90 16.02 -12.19
CA TYR A 18 -11.64 16.68 -11.94
C TYR A 18 -10.81 16.19 -10.78
N ASN A 19 -11.22 15.10 -10.17
CA ASN A 19 -10.46 14.53 -9.05
C ASN A 19 -9.03 14.22 -9.50
N PHE A 20 -8.89 13.65 -10.69
CA PHE A 20 -7.57 13.27 -11.21
C PHE A 20 -6.54 14.37 -11.03
N VAL A 21 -6.98 15.62 -11.11
CA VAL A 21 -6.07 16.76 -10.98
C VAL A 21 -5.36 16.77 -9.63
N SER A 22 -6.06 16.39 -8.58
CA SER A 22 -5.46 16.36 -7.27
C SER A 22 -4.36 15.32 -7.18
N SER A 23 -4.52 14.22 -7.91
CA SER A 23 -3.51 13.19 -7.93
C SER A 23 -2.29 13.72 -8.68
N MET A 24 -2.53 14.35 -9.84
CA MET A 24 -1.41 14.87 -10.63
C MET A 24 -0.64 15.92 -9.86
N ALA A 25 -1.34 16.72 -9.05
CA ALA A 25 -0.70 17.74 -8.26
C ALA A 25 0.15 17.12 -7.16
N LEU A 26 -0.33 16.00 -6.60
CA LEU A 26 0.44 15.34 -5.56
C LEU A 26 1.69 14.77 -6.23
N LYS A 27 1.50 14.21 -7.42
CA LYS A 27 2.60 13.63 -8.18
C LYS A 27 3.69 14.66 -8.43
N SER A 28 3.28 15.87 -8.78
CA SER A 28 4.21 16.97 -9.04
C SER A 28 5.00 17.38 -7.80
N ALA A 29 4.30 17.48 -6.67
CA ALA A 29 4.96 17.86 -5.44
C ALA A 29 6.06 16.85 -5.07
N MET A 30 5.82 15.56 -5.33
CA MET A 30 6.83 14.57 -4.97
C MET A 30 7.97 14.53 -5.98
N GLU A 31 7.67 14.75 -7.26
CA GLU A 31 8.73 14.74 -8.26
C GLU A 31 9.60 15.99 -8.16
N LEU A 32 9.04 17.07 -7.63
CA LEU A 32 9.79 18.31 -7.47
C LEU A 32 10.62 18.30 -6.18
N GLY A 33 10.37 17.31 -5.32
CA GLY A 33 11.10 17.22 -4.07
C GLY A 33 10.78 18.35 -3.12
N ILE A 34 9.54 18.84 -3.16
CA ILE A 34 9.13 19.92 -2.28
C ILE A 34 9.26 19.56 -0.80
N ALA A 35 8.88 18.34 -0.44
CA ALA A 35 8.96 17.88 0.95
C ALA A 35 10.39 17.94 1.45
N ASP A 36 11.29 17.34 0.70
CA ASP A 36 12.71 17.34 1.05
C ASP A 36 13.21 18.77 1.14
N ALA A 37 12.77 19.61 0.20
CA ALA A 37 13.20 20.99 0.17
C ALA A 37 12.82 21.69 1.47
N ILE A 38 11.58 21.53 1.90
CA ILE A 38 11.13 22.16 3.12
C ILE A 38 11.79 21.50 4.32
N HIS A 39 11.82 20.18 4.33
CA HIS A 39 12.45 19.44 5.42
C HIS A 39 13.90 19.90 5.58
N ASN A 40 14.67 19.90 4.50
CA ASN A 40 16.07 20.32 4.56
C ASN A 40 16.23 21.77 5.00
N HIS A 41 15.25 22.61 4.68
CA HIS A 41 15.34 24.00 5.06
C HIS A 41 15.31 24.07 6.59
N GLY A 42 14.41 23.30 7.21
CA GLY A 42 14.34 23.27 8.66
C GLY A 42 13.23 24.10 9.26
N LYS A 43 12.59 24.91 8.45
CA LYS A 43 11.50 25.74 8.92
C LYS A 43 10.66 26.21 7.73
N PRO A 44 9.45 26.71 7.99
CA PRO A 44 8.58 27.17 6.91
C PRO A 44 9.33 27.94 5.81
N MET A 45 9.04 27.59 4.56
CA MET A 45 9.68 28.21 3.39
C MET A 45 8.73 29.09 2.59
N THR A 46 9.24 30.20 2.08
CA THR A 46 8.44 31.10 1.27
C THR A 46 8.49 30.63 -0.19
N LEU A 47 7.59 31.18 -1.00
CA LEU A 47 7.52 30.83 -2.42
C LEU A 47 8.89 30.93 -3.04
N SER A 48 9.43 32.14 -3.01
CA SER A 48 10.74 32.41 -3.58
C SER A 48 11.85 31.50 -3.06
N GLU A 49 11.88 31.27 -1.75
CA GLU A 49 12.91 30.41 -1.17
C GLU A 49 12.76 29.00 -1.73
N LEU A 50 11.52 28.54 -1.82
CA LEU A 50 11.25 27.22 -2.34
C LEU A 50 11.59 27.19 -3.82
N ALA A 51 11.24 28.25 -4.53
CA ALA A 51 11.53 28.35 -5.94
C ALA A 51 13.05 28.31 -6.16
N SER A 52 13.77 29.03 -5.31
CA SER A 52 15.21 29.09 -5.39
C SER A 52 15.82 27.70 -5.11
N SER A 53 15.29 27.02 -4.10
CA SER A 53 15.76 25.69 -3.75
C SER A 53 15.51 24.69 -4.89
N LEU A 54 14.40 24.86 -5.59
CA LEU A 54 14.07 23.96 -6.70
C LEU A 54 14.78 24.40 -7.97
N LYS A 55 15.34 25.60 -7.94
CA LYS A 55 16.06 26.17 -9.07
C LYS A 55 15.14 26.34 -10.26
N LEU A 56 13.99 26.95 -10.00
CA LEU A 56 13.00 27.19 -11.02
C LEU A 56 13.28 28.44 -11.82
N HIS A 57 12.93 28.40 -13.09
CA HIS A 57 13.07 29.55 -13.96
C HIS A 57 11.98 30.50 -13.44
N PRO A 58 12.23 31.81 -13.46
CA PRO A 58 11.22 32.77 -12.97
C PRO A 58 9.79 32.53 -13.46
N SER A 59 9.64 32.14 -14.72
CA SER A 59 8.31 31.91 -15.27
C SER A 59 7.58 30.74 -14.64
N LYS A 60 8.32 29.85 -14.00
CA LYS A 60 7.72 28.67 -13.39
C LYS A 60 7.33 28.89 -11.94
N VAL A 61 7.62 30.07 -11.41
CA VAL A 61 7.30 30.36 -10.02
C VAL A 61 5.80 30.44 -9.77
N ASN A 62 5.07 31.13 -10.65
CA ASN A 62 3.63 31.24 -10.45
C ASN A 62 2.98 29.87 -10.58
N ILE A 63 3.60 28.99 -11.36
CA ILE A 63 3.09 27.63 -11.51
C ILE A 63 3.27 26.92 -10.17
N LEU A 64 4.45 27.09 -9.58
CA LEU A 64 4.75 26.49 -8.28
C LEU A 64 3.68 26.98 -7.31
N HIS A 65 3.41 28.28 -7.35
CA HIS A 65 2.43 28.88 -6.46
C HIS A 65 1.06 28.22 -6.59
N ARG A 66 0.60 28.07 -7.84
CA ARG A 66 -0.69 27.46 -8.10
C ARG A 66 -0.78 26.05 -7.51
N PHE A 67 0.19 25.22 -7.82
CA PHE A 67 0.19 23.85 -7.30
C PHE A 67 0.17 23.87 -5.78
N LEU A 68 0.98 24.77 -5.20
CA LEU A 68 1.05 24.92 -3.75
C LEU A 68 -0.31 25.27 -3.17
N ARG A 69 -1.03 26.19 -3.81
CA ARG A 69 -2.34 26.60 -3.33
C ARG A 69 -3.27 25.41 -3.25
N LEU A 70 -3.31 24.62 -4.32
CA LEU A 70 -4.15 23.44 -4.34
C LEU A 70 -3.70 22.39 -3.34
N LEU A 71 -2.39 22.14 -3.28
CA LEU A 71 -1.87 21.14 -2.36
C LEU A 71 -2.09 21.55 -0.90
N THR A 72 -1.98 22.86 -0.63
CA THR A 72 -2.19 23.38 0.70
C THR A 72 -3.65 23.13 1.09
N HIS A 73 -4.55 23.43 0.16
CA HIS A 73 -5.97 23.22 0.41
C HIS A 73 -6.26 21.74 0.66
N ASN A 74 -5.51 20.87 -0.01
CA ASN A 74 -5.70 19.43 0.14
C ASN A 74 -4.98 18.87 1.37
N GLY A 75 -4.44 19.78 2.19
CA GLY A 75 -3.76 19.37 3.41
C GLY A 75 -2.35 18.82 3.33
N PHE A 76 -1.62 19.08 2.24
CA PHE A 76 -0.27 18.57 2.14
C PHE A 76 0.76 19.62 2.58
N PHE A 77 0.27 20.82 2.89
CA PHE A 77 1.12 21.92 3.35
C PHE A 77 0.28 22.82 4.24
N ALA A 78 0.94 23.56 5.11
CA ALA A 78 0.25 24.49 6.00
C ALA A 78 0.80 25.89 5.75
N LYS A 79 -0.10 26.84 5.58
CA LYS A 79 0.30 28.22 5.33
C LYS A 79 0.58 28.96 6.63
N THR A 80 1.63 29.75 6.61
CA THR A 80 2.08 30.54 7.76
C THR A 80 2.50 31.90 7.23
N ILE A 81 2.41 32.93 8.06
CA ILE A 81 2.80 34.27 7.66
C ILE A 81 4.13 34.65 8.31
N VAL A 82 5.10 35.04 7.48
CA VAL A 82 6.41 35.44 7.98
C VAL A 82 6.78 36.79 7.36
N LYS A 83 7.27 37.71 8.19
CA LYS A 83 7.64 39.03 7.68
C LYS A 83 8.78 38.95 6.68
N GLY A 84 8.73 39.82 5.67
CA GLY A 84 9.73 39.86 4.62
C GLY A 84 11.16 40.02 5.12
N LYS A 85 12.06 40.34 4.19
CA LYS A 85 13.47 40.51 4.53
C LYS A 85 13.98 41.92 4.23
N GLU A 86 14.32 42.66 5.29
CA GLU A 86 14.83 44.02 5.19
C GLU A 86 13.79 45.10 4.93
N GLY A 87 12.75 45.14 5.76
CA GLY A 87 11.69 46.13 5.61
C GLY A 87 10.80 45.99 4.38
N ASP A 88 11.37 46.24 3.20
CA ASP A 88 10.62 46.15 1.95
C ASP A 88 10.31 44.71 1.53
N GLU A 89 9.06 44.32 1.73
CA GLU A 89 8.56 42.99 1.38
C GLU A 89 7.30 42.64 2.17
N GLU A 90 7.08 43.38 3.25
CA GLU A 90 5.91 43.18 4.11
C GLU A 90 5.84 41.78 4.71
N GLU A 91 4.76 41.06 4.39
CA GLU A 91 4.56 39.72 4.90
C GLU A 91 4.48 38.72 3.76
N GLU A 92 5.10 37.56 3.96
CA GLU A 92 5.08 36.52 2.94
C GLU A 92 4.53 35.23 3.53
N ILE A 93 3.91 34.44 2.67
CA ILE A 93 3.35 33.16 3.06
C ILE A 93 4.52 32.20 3.14
N ALA A 94 4.50 31.30 4.11
CA ALA A 94 5.55 30.31 4.26
C ALA A 94 4.87 28.96 4.33
N TYR A 95 5.44 27.96 3.66
CA TYR A 95 4.88 26.63 3.64
C TYR A 95 5.59 25.64 4.56
N SER A 96 4.79 24.94 5.36
CA SER A 96 5.30 23.92 6.27
C SER A 96 4.72 22.60 5.82
N LEU A 97 5.40 21.51 6.19
CA LEU A 97 4.92 20.18 5.83
C LEU A 97 3.84 19.76 6.80
N THR A 98 3.09 18.73 6.44
CA THR A 98 2.05 18.19 7.27
C THR A 98 2.30 16.68 7.33
N PRO A 99 1.68 15.95 8.26
CA PRO A 99 1.91 14.51 8.34
C PRO A 99 1.94 13.82 6.96
N PRO A 100 0.93 14.09 6.12
CA PRO A 100 0.87 13.47 4.78
C PRO A 100 2.12 13.72 3.93
N SER A 101 2.55 14.98 3.84
CA SER A 101 3.71 15.32 3.03
C SER A 101 5.03 14.87 3.66
N LYS A 102 5.03 14.66 4.97
CA LYS A 102 6.25 14.19 5.62
C LYS A 102 6.56 12.76 5.15
N LEU A 103 5.54 12.10 4.59
CA LEU A 103 5.70 10.75 4.07
C LEU A 103 6.44 10.82 2.74
N LEU A 104 6.69 12.05 2.28
CA LEU A 104 7.39 12.27 1.02
C LEU A 104 8.87 12.61 1.21
N ILE A 105 9.29 12.73 2.46
CA ILE A 105 10.69 13.02 2.75
C ILE A 105 11.53 11.78 2.45
N SER A 106 12.42 11.88 1.47
CA SER A 106 13.26 10.78 1.08
C SER A 106 14.24 10.33 2.16
N GLY A 107 14.85 9.16 1.96
CA GLY A 107 15.82 8.65 2.90
C GLY A 107 15.27 8.32 4.28
N LYS A 108 14.01 7.92 4.34
CA LYS A 108 13.39 7.57 5.61
C LYS A 108 12.50 6.35 5.49
N PRO A 109 12.40 5.57 6.57
CA PRO A 109 11.59 4.35 6.64
C PRO A 109 10.12 4.58 6.26
N THR A 110 9.68 5.83 6.37
CA THR A 110 8.29 6.17 6.08
C THR A 110 8.05 6.71 4.66
N CYS A 111 9.11 6.90 3.89
CA CYS A 111 8.97 7.43 2.54
C CYS A 111 8.17 6.58 1.57
N LEU A 112 7.00 7.09 1.19
CA LEU A 112 6.12 6.39 0.26
C LEU A 112 6.28 6.97 -1.15
N SER A 113 7.33 7.77 -1.34
CA SER A 113 7.60 8.40 -2.63
C SER A 113 7.59 7.43 -3.81
N SER A 114 8.40 6.38 -3.71
CA SER A 114 8.49 5.38 -4.76
C SER A 114 7.11 4.84 -5.15
N ILE A 115 6.21 4.74 -4.18
CA ILE A 115 4.87 4.23 -4.46
C ILE A 115 4.01 5.29 -5.15
N VAL A 116 4.21 6.55 -4.77
CA VAL A 116 3.45 7.62 -5.39
C VAL A 116 3.90 7.68 -6.86
N LYS A 117 5.21 7.67 -7.07
CA LYS A 117 5.79 7.71 -8.41
C LYS A 117 5.31 6.54 -9.26
N GLY A 118 5.31 5.35 -8.68
CA GLY A 118 4.88 4.19 -9.41
C GLY A 118 3.39 4.15 -9.73
N ALA A 119 2.57 4.45 -8.72
CA ALA A 119 1.13 4.45 -8.91
C ALA A 119 0.67 5.48 -9.94
N LEU A 120 1.39 6.59 -10.03
CA LEU A 120 0.99 7.65 -10.96
C LEU A 120 1.90 7.73 -12.19
N HIS A 121 2.64 6.67 -12.45
CA HIS A 121 3.54 6.62 -13.60
C HIS A 121 2.69 6.44 -14.88
N PRO A 122 3.19 6.95 -16.02
CA PRO A 122 2.45 6.81 -17.28
C PRO A 122 2.03 5.37 -17.55
N SER A 123 2.91 4.42 -17.21
CA SER A 123 2.61 3.01 -17.42
C SER A 123 1.43 2.56 -16.57
N SER A 124 1.04 3.39 -15.61
CA SER A 124 -0.11 3.08 -14.76
C SER A 124 -1.36 3.77 -15.26
N LEU A 125 -1.17 4.94 -15.87
CA LEU A 125 -2.27 5.78 -16.32
C LEU A 125 -2.68 5.77 -17.79
N ASP A 126 -1.71 5.81 -18.69
CA ASP A 126 -2.02 5.86 -20.11
C ASP A 126 -2.98 4.80 -20.64
N MET A 127 -2.91 3.60 -20.09
CA MET A 127 -3.79 2.53 -20.56
C MET A 127 -5.28 2.86 -20.56
N TRP A 128 -5.70 3.80 -19.71
CA TRP A 128 -7.11 4.14 -19.63
C TRP A 128 -7.72 4.65 -20.92
N SER A 129 -6.87 5.13 -21.83
CA SER A 129 -7.38 5.62 -23.11
C SER A 129 -7.91 4.42 -23.90
N SER A 130 -7.60 3.22 -23.43
CA SER A 130 -8.05 2.01 -24.10
C SER A 130 -9.21 1.35 -23.35
N SER A 131 -9.76 2.03 -22.35
CA SER A 131 -10.84 1.47 -21.55
C SER A 131 -12.11 1.09 -22.31
N LYS A 132 -12.55 1.92 -23.23
CA LYS A 132 -13.77 1.61 -23.98
C LYS A 132 -13.58 0.36 -24.84
N LYS A 133 -12.47 0.30 -25.56
CA LYS A 133 -12.19 -0.85 -26.40
C LYS A 133 -12.08 -2.10 -25.51
N TRP A 134 -11.45 -1.92 -24.36
CA TRP A 134 -11.25 -3.02 -23.41
C TRP A 134 -12.58 -3.63 -22.95
N PHE A 135 -13.55 -2.78 -22.68
CA PHE A 135 -14.85 -3.26 -22.25
C PHE A 135 -15.62 -3.94 -23.37
N ASN A 136 -15.39 -3.48 -24.60
CA ASN A 136 -16.10 -3.98 -25.75
C ASN A 136 -15.45 -5.10 -26.56
N GLU A 137 -14.27 -5.56 -26.14
CA GLU A 137 -13.60 -6.63 -26.86
C GLU A 137 -14.01 -8.01 -26.35
N ASP A 138 -13.61 -9.04 -27.09
CA ASP A 138 -13.94 -10.41 -26.72
C ASP A 138 -12.79 -11.11 -26.02
N LYS A 139 -11.62 -10.50 -26.07
CA LYS A 139 -10.47 -11.09 -25.44
C LYS A 139 -10.40 -10.78 -23.95
N GLU A 140 -10.16 -11.82 -23.15
CA GLU A 140 -10.06 -11.67 -21.70
C GLU A 140 -8.62 -11.32 -21.35
N GLN A 141 -8.40 -10.10 -20.88
CA GLN A 141 -7.06 -9.67 -20.53
C GLN A 141 -7.12 -8.46 -19.62
N THR A 142 -5.96 -7.99 -19.16
CA THR A 142 -5.91 -6.81 -18.31
C THR A 142 -6.10 -5.59 -19.21
N LEU A 143 -6.42 -4.45 -18.61
CA LEU A 143 -6.56 -3.23 -19.38
C LEU A 143 -5.18 -2.88 -19.90
N PHE A 144 -4.16 -3.16 -19.10
CA PHE A 144 -2.80 -2.85 -19.53
C PHE A 144 -2.44 -3.61 -20.79
N GLU A 145 -2.76 -4.90 -20.82
CA GLU A 145 -2.49 -5.73 -22.00
C GLU A 145 -3.32 -5.26 -23.19
N CYS A 146 -4.58 -4.91 -22.94
CA CYS A 146 -5.44 -4.44 -24.02
C CYS A 146 -4.88 -3.18 -24.68
N ALA A 147 -4.37 -2.26 -23.87
CA ALA A 147 -3.83 -1.02 -24.39
C ALA A 147 -2.42 -1.13 -24.94
N THR A 148 -1.63 -2.03 -24.36
CA THR A 148 -0.24 -2.20 -24.77
C THR A 148 0.06 -3.34 -25.71
N GLY A 149 -0.66 -4.44 -25.57
CA GLY A 149 -0.41 -5.58 -26.41
C GLY A 149 0.45 -6.59 -25.67
N GLU A 150 0.85 -6.25 -24.46
CA GLU A 150 1.69 -7.15 -23.64
C GLU A 150 1.32 -7.02 -22.17
N SER A 151 1.67 -8.02 -21.38
CA SER A 151 1.36 -7.99 -19.95
C SER A 151 2.28 -7.00 -19.26
N PHE A 152 1.83 -6.45 -18.15
CA PHE A 152 2.62 -5.50 -17.40
C PHE A 152 3.99 -6.08 -17.06
N TRP A 153 4.00 -7.34 -16.63
CA TRP A 153 5.25 -8.01 -16.28
C TRP A 153 6.21 -8.02 -17.45
N ASP A 154 5.74 -8.41 -18.62
CA ASP A 154 6.59 -8.46 -19.81
C ASP A 154 7.11 -7.07 -20.18
N PHE A 155 6.21 -6.10 -20.10
CA PHE A 155 6.54 -4.71 -20.41
C PHE A 155 7.70 -4.24 -19.53
N LEU A 156 7.64 -4.57 -18.25
CA LEU A 156 8.67 -4.17 -17.30
C LEU A 156 10.04 -4.79 -17.57
N ASN A 157 10.05 -6.03 -18.03
CA ASN A 157 11.32 -6.71 -18.28
C ASN A 157 11.98 -6.35 -19.60
N LYS A 158 11.42 -5.35 -20.29
CA LYS A 158 12.02 -4.89 -21.53
C LYS A 158 13.28 -4.14 -21.11
N ASP A 159 14.26 -4.05 -22.00
CA ASP A 159 15.50 -3.34 -21.67
C ASP A 159 15.21 -1.85 -21.65
N SER A 160 14.37 -1.41 -22.57
CA SER A 160 14.01 0.00 -22.68
C SER A 160 13.15 0.46 -21.51
N GLU A 161 12.71 -0.50 -20.69
CA GLU A 161 11.89 -0.20 -19.54
C GLU A 161 12.59 -0.57 -18.23
N SER A 162 13.90 -0.73 -18.30
CA SER A 162 14.70 -1.10 -17.14
C SER A 162 14.48 -0.13 -15.99
N SER A 163 14.51 1.16 -16.28
CA SER A 163 14.32 2.17 -15.24
C SER A 163 12.94 2.06 -14.63
N THR A 164 11.96 1.74 -15.46
CA THR A 164 10.60 1.58 -14.97
C THR A 164 10.58 0.36 -14.06
N LEU A 165 11.29 -0.69 -14.47
CA LEU A 165 11.37 -1.91 -13.69
C LEU A 165 12.01 -1.64 -12.32
N SER A 166 13.00 -0.76 -12.29
CA SER A 166 13.67 -0.43 -11.02
C SER A 166 12.66 0.29 -10.14
N MET A 167 12.00 1.29 -10.72
CA MET A 167 10.99 2.06 -10.03
C MET A 167 9.97 1.15 -9.38
N PHE A 168 9.45 0.21 -10.16
CA PHE A 168 8.47 -0.73 -9.64
C PHE A 168 9.04 -1.55 -8.51
N GLN A 169 10.30 -1.94 -8.65
CA GLN A 169 10.96 -2.71 -7.61
C GLN A 169 11.13 -1.83 -6.39
N ASP A 170 11.43 -0.55 -6.59
CA ASP A 170 11.59 0.35 -5.46
C ASP A 170 10.27 0.45 -4.71
N ALA A 171 9.17 0.42 -5.45
CA ALA A 171 7.85 0.50 -4.86
C ALA A 171 7.55 -0.71 -3.97
N MET A 172 7.90 -1.90 -4.46
CA MET A 172 7.67 -3.14 -3.71
C MET A 172 8.55 -3.18 -2.47
N ALA A 173 9.84 -2.95 -2.65
CA ALA A 173 10.79 -2.95 -1.53
C ALA A 173 10.31 -2.00 -0.46
N SER A 174 9.74 -0.88 -0.89
CA SER A 174 9.22 0.13 0.02
C SER A 174 7.97 -0.40 0.69
N ASP A 175 7.15 -1.11 -0.07
CA ASP A 175 5.93 -1.69 0.47
C ASP A 175 6.29 -2.80 1.46
N SER A 176 7.41 -3.46 1.22
CA SER A 176 7.86 -4.53 2.10
C SER A 176 8.37 -3.99 3.43
N ARG A 177 9.24 -2.99 3.40
CA ARG A 177 9.75 -2.42 4.64
C ARG A 177 8.65 -1.72 5.45
N MET A 178 7.60 -1.28 4.77
CA MET A 178 6.49 -0.61 5.45
C MET A 178 5.90 -1.58 6.47
N PHE A 179 6.13 -2.87 6.23
CA PHE A 179 5.62 -3.90 7.12
C PHE A 179 6.32 -3.84 8.49
N LYS A 180 7.54 -3.33 8.52
CA LYS A 180 8.26 -3.20 9.78
C LYS A 180 7.46 -2.26 10.69
N LEU A 181 7.01 -1.15 10.12
CA LEU A 181 6.22 -0.17 10.87
C LEU A 181 4.94 -0.81 11.35
N VAL A 182 4.40 -1.71 10.53
CA VAL A 182 3.17 -2.41 10.88
C VAL A 182 3.40 -3.20 12.16
N LEU A 183 4.55 -3.86 12.25
CA LEU A 183 4.90 -4.65 13.41
C LEU A 183 5.08 -3.72 14.61
N GLN A 184 5.81 -2.63 14.42
CA GLN A 184 6.06 -1.69 15.52
C GLN A 184 4.77 -1.08 16.05
N GLU A 185 3.81 -0.82 15.16
CA GLU A 185 2.54 -0.21 15.54
C GLU A 185 1.52 -1.23 16.05
N ASN A 186 1.84 -2.51 15.96
CA ASN A 186 0.92 -3.56 16.42
C ASN A 186 1.62 -4.70 17.15
N LYS A 187 2.53 -4.36 18.06
CA LYS A 187 3.26 -5.35 18.84
C LYS A 187 2.30 -6.28 19.58
N ARG A 188 1.17 -5.72 20.03
CA ARG A 188 0.16 -6.48 20.76
C ARG A 188 -0.26 -7.77 20.05
N VAL A 189 -0.17 -7.78 18.73
CA VAL A 189 -0.55 -8.94 17.95
C VAL A 189 0.41 -10.10 18.16
N PHE A 190 1.68 -9.79 18.38
CA PHE A 190 2.71 -10.83 18.56
C PHE A 190 3.25 -11.09 19.97
N GLU A 191 2.95 -10.20 20.92
CA GLU A 191 3.44 -10.30 22.29
C GLU A 191 3.34 -11.61 23.07
N GLY A 192 2.18 -12.28 23.03
CA GLY A 192 2.05 -13.51 23.79
C GLY A 192 2.52 -14.75 23.07
N LEU A 193 3.12 -14.57 21.90
CA LEU A 193 3.59 -15.70 21.10
C LEU A 193 4.99 -16.20 21.40
N GLU A 194 5.13 -17.52 21.40
CA GLU A 194 6.42 -18.16 21.64
C GLU A 194 6.94 -18.63 20.30
N SER A 195 6.03 -18.95 19.40
CA SER A 195 6.40 -19.42 18.07
C SER A 195 5.46 -18.88 17.01
N LEU A 196 5.94 -18.85 15.77
CA LEU A 196 5.18 -18.35 14.64
C LEU A 196 5.71 -19.01 13.38
N VAL A 197 4.80 -19.40 12.50
CA VAL A 197 5.17 -20.01 11.23
C VAL A 197 4.76 -19.02 10.15
N ASP A 198 5.73 -18.66 9.32
CA ASP A 198 5.53 -17.69 8.25
C ASP A 198 5.32 -18.46 6.94
N VAL A 199 4.06 -18.68 6.61
CA VAL A 199 3.70 -19.42 5.42
C VAL A 199 4.07 -18.66 4.15
N GLY A 200 4.75 -19.34 3.23
CA GLY A 200 5.15 -18.69 2.01
C GLY A 200 6.17 -17.61 2.31
N GLY A 201 6.87 -17.76 3.43
CA GLY A 201 7.87 -16.78 3.82
C GLY A 201 9.06 -16.67 2.88
N GLY A 202 9.05 -17.45 1.80
CA GLY A 202 10.13 -17.41 0.85
C GLY A 202 11.48 -17.72 1.48
N THR A 203 12.41 -16.78 1.37
CA THR A 203 13.74 -16.96 1.93
C THR A 203 13.90 -16.32 3.31
N GLY A 204 12.79 -15.92 3.93
CA GLY A 204 12.87 -15.34 5.26
C GLY A 204 12.96 -13.83 5.42
N GLY A 205 12.76 -13.08 4.34
CA GLY A 205 12.83 -11.63 4.44
C GLY A 205 11.86 -11.09 5.46
N VAL A 206 10.62 -11.57 5.39
CA VAL A 206 9.59 -11.13 6.32
C VAL A 206 9.90 -11.60 7.74
N THR A 207 10.37 -12.83 7.87
CA THR A 207 10.68 -13.33 9.19
C THR A 207 11.81 -12.52 9.80
N LYS A 208 12.74 -12.07 8.95
CA LYS A 208 13.85 -11.27 9.43
C LYS A 208 13.34 -9.96 10.02
N LEU A 209 12.35 -9.37 9.38
CA LEU A 209 11.77 -8.13 9.90
C LEU A 209 11.09 -8.46 11.23
N ILE A 210 10.40 -9.59 11.27
CA ILE A 210 9.72 -9.99 12.48
C ILE A 210 10.73 -10.16 13.61
N HIS A 211 11.89 -10.71 13.30
CA HIS A 211 12.93 -10.89 14.32
C HIS A 211 13.58 -9.58 14.72
N GLU A 212 13.47 -8.57 13.88
CA GLU A 212 14.05 -7.28 14.21
C GLU A 212 13.25 -6.62 15.32
N ILE A 213 12.00 -7.04 15.47
CA ILE A 213 11.12 -6.49 16.50
C ILE A 213 10.88 -7.49 17.63
N PHE A 214 10.80 -8.78 17.29
CA PHE A 214 10.58 -9.83 18.28
C PHE A 214 11.67 -10.88 18.15
N PRO A 215 12.89 -10.55 18.59
CA PRO A 215 14.02 -11.49 18.50
C PRO A 215 13.94 -12.82 19.24
N HIS A 216 13.01 -12.92 20.19
CA HIS A 216 12.85 -14.15 20.98
C HIS A 216 11.76 -15.05 20.41
N LEU A 217 11.06 -14.55 19.41
CA LEU A 217 10.02 -15.33 18.79
C LEU A 217 10.65 -16.42 17.95
N LYS A 218 10.26 -17.67 18.20
CA LYS A 218 10.77 -18.77 17.41
C LYS A 218 9.97 -18.72 16.10
N CYS A 219 10.64 -18.38 15.01
CA CYS A 219 9.97 -18.30 13.73
C CYS A 219 10.36 -19.42 12.79
N THR A 220 9.37 -19.96 12.10
CA THR A 220 9.60 -21.01 11.13
C THR A 220 9.17 -20.47 9.77
N VAL A 221 10.09 -20.44 8.82
CA VAL A 221 9.77 -19.99 7.49
C VAL A 221 9.32 -21.24 6.74
N PHE A 222 8.05 -21.29 6.38
CA PHE A 222 7.51 -22.44 5.67
C PHE A 222 7.21 -22.08 4.24
N ASP A 223 7.73 -22.88 3.32
CA ASP A 223 7.49 -22.63 1.91
C ASP A 223 7.75 -23.93 1.16
N GLN A 224 7.77 -23.85 -0.16
CA GLN A 224 7.99 -25.04 -0.97
C GLN A 224 9.42 -25.54 -0.80
N PRO A 225 9.61 -26.86 -0.96
CA PRO A 225 10.94 -27.44 -0.82
C PRO A 225 11.99 -26.73 -1.65
N GLN A 226 11.66 -26.44 -2.90
CA GLN A 226 12.59 -25.78 -3.82
C GLN A 226 12.92 -24.33 -3.48
N VAL A 227 12.01 -23.64 -2.79
CA VAL A 227 12.27 -22.26 -2.43
C VAL A 227 13.05 -22.18 -1.13
N VAL A 228 12.72 -23.04 -0.18
CA VAL A 228 13.42 -23.06 1.10
C VAL A 228 14.76 -23.80 1.01
N GLY A 229 14.85 -24.73 0.07
CA GLY A 229 16.09 -25.49 -0.10
C GLY A 229 16.61 -26.12 1.17
N ASN A 230 17.93 -26.06 1.36
CA ASN A 230 18.57 -26.65 2.53
C ASN A 230 18.75 -25.59 3.62
N LEU A 231 18.41 -24.33 3.28
CA LEU A 231 18.54 -23.20 4.19
C LEU A 231 18.47 -23.55 5.67
N THR A 232 19.44 -23.06 6.42
CA THR A 232 19.52 -23.29 7.84
C THR A 232 19.24 -21.99 8.56
N GLY A 233 19.04 -22.07 9.88
CA GLY A 233 18.77 -20.87 10.65
C GLY A 233 19.60 -20.82 11.92
N ASN A 234 18.92 -20.61 13.04
CA ASN A 234 19.56 -20.53 14.34
C ASN A 234 18.55 -20.95 15.38
N GLU A 235 18.84 -20.68 16.65
CA GLU A 235 17.93 -21.05 17.72
C GLU A 235 16.48 -20.69 17.43
N ASN A 236 16.24 -19.44 17.03
CA ASN A 236 14.90 -18.95 16.77
C ASN A 236 14.46 -18.81 15.31
N LEU A 237 15.18 -19.46 14.42
CA LEU A 237 14.85 -19.41 13.01
C LEU A 237 15.15 -20.73 12.33
N ASN A 238 14.15 -21.30 11.66
CA ASN A 238 14.36 -22.54 10.95
C ASN A 238 13.53 -22.51 9.68
N PHE A 239 13.95 -23.29 8.70
CA PHE A 239 13.25 -23.36 7.44
C PHE A 239 12.69 -24.76 7.26
N VAL A 240 11.43 -24.83 6.82
CA VAL A 240 10.76 -26.10 6.60
C VAL A 240 10.12 -26.11 5.22
N GLY A 241 10.41 -27.14 4.44
CA GLY A 241 9.85 -27.27 3.12
C GLY A 241 8.66 -28.20 3.12
N GLY A 242 7.59 -27.77 2.46
CA GLY A 242 6.39 -28.60 2.40
C GLY A 242 5.35 -27.98 1.47
N ASP A 243 4.13 -28.50 1.56
CA ASP A 243 3.04 -28.02 0.76
C ASP A 243 1.94 -27.56 1.70
N MET A 244 1.73 -26.25 1.76
CA MET A 244 0.74 -25.65 2.65
C MET A 244 -0.68 -26.20 2.47
N PHE A 245 -0.97 -26.84 1.35
CA PHE A 245 -2.30 -27.39 1.14
C PHE A 245 -2.43 -28.75 1.79
N LYS A 246 -1.30 -29.33 2.19
CA LYS A 246 -1.28 -30.62 2.86
C LYS A 246 -1.18 -30.35 4.36
N SER A 247 -0.25 -29.49 4.76
CA SER A 247 -0.12 -29.16 6.18
C SER A 247 0.83 -27.99 6.39
N ILE A 248 0.76 -27.42 7.59
CA ILE A 248 1.59 -26.29 7.96
C ILE A 248 2.20 -26.63 9.31
N PRO A 249 3.53 -26.44 9.46
CA PRO A 249 4.17 -26.75 10.73
C PRO A 249 3.39 -26.13 11.88
N SER A 250 3.34 -26.83 13.00
CA SER A 250 2.61 -26.32 14.15
C SER A 250 3.37 -25.16 14.78
N ALA A 251 2.63 -24.21 15.36
CA ALA A 251 3.22 -23.04 15.99
C ALA A 251 2.13 -22.30 16.77
N ASP A 252 2.52 -21.39 17.64
CA ASP A 252 1.53 -20.64 18.42
C ASP A 252 0.64 -19.85 17.47
N ALA A 253 1.22 -19.41 16.35
CA ALA A 253 0.45 -18.65 15.40
C ALA A 253 0.91 -18.89 13.97
N VAL A 254 -0.03 -18.74 13.04
CA VAL A 254 0.26 -18.90 11.63
C VAL A 254 0.15 -17.52 10.98
N LEU A 255 1.20 -17.09 10.30
CA LEU A 255 1.15 -15.81 9.62
C LEU A 255 0.93 -16.08 8.13
N LEU A 256 -0.05 -15.40 7.56
CA LEU A 256 -0.38 -15.52 6.15
C LEU A 256 -0.31 -14.11 5.58
N LYS A 257 0.88 -13.68 5.21
CA LYS A 257 1.08 -12.35 4.68
C LYS A 257 1.02 -12.35 3.17
N TRP A 258 0.06 -11.61 2.61
CA TRP A 258 -0.14 -11.52 1.16
C TRP A 258 -0.12 -12.88 0.51
N VAL A 259 -0.66 -13.88 1.20
CA VAL A 259 -0.68 -15.24 0.66
C VAL A 259 -2.02 -15.63 0.09
N LEU A 260 -3.09 -15.32 0.82
CA LEU A 260 -4.43 -15.71 0.40
C LEU A 260 -5.04 -14.89 -0.73
N HIS A 261 -4.51 -13.71 -1.02
CA HIS A 261 -5.10 -12.93 -2.08
C HIS A 261 -4.77 -13.48 -3.47
N ASP A 262 -3.86 -14.46 -3.52
CA ASP A 262 -3.49 -15.08 -4.78
C ASP A 262 -4.24 -16.39 -4.97
N TRP A 263 -5.15 -16.71 -4.06
CA TRP A 263 -5.89 -17.96 -4.17
C TRP A 263 -7.39 -17.78 -4.12
N ASN A 264 -8.10 -18.63 -4.87
CA ASN A 264 -9.55 -18.56 -4.90
C ASN A 264 -10.04 -19.05 -3.57
N ASP A 265 -11.35 -18.98 -3.36
CA ASP A 265 -11.94 -19.38 -2.10
C ASP A 265 -11.65 -20.82 -1.72
N GLU A 266 -11.74 -21.71 -2.69
CA GLU A 266 -11.50 -23.12 -2.44
C GLU A 266 -10.10 -23.36 -1.89
N GLN A 267 -9.11 -22.83 -2.59
CA GLN A 267 -7.72 -22.99 -2.19
C GLN A 267 -7.42 -22.24 -0.90
N SER A 268 -8.03 -21.08 -0.72
CA SER A 268 -7.82 -20.30 0.49
C SER A 268 -8.40 -21.01 1.70
N LEU A 269 -9.50 -21.73 1.49
CA LEU A 269 -10.12 -22.46 2.59
C LEU A 269 -9.20 -23.55 3.09
N LYS A 270 -8.59 -24.28 2.17
CA LYS A 270 -7.67 -25.35 2.54
C LYS A 270 -6.53 -24.79 3.40
N ILE A 271 -5.92 -23.72 2.92
CA ILE A 271 -4.84 -23.08 3.64
C ILE A 271 -5.27 -22.67 5.06
N LEU A 272 -6.45 -22.09 5.17
CA LEU A 272 -6.95 -21.66 6.46
C LEU A 272 -7.26 -22.85 7.36
N LYS A 273 -7.72 -23.95 6.79
CA LYS A 273 -8.02 -25.12 7.60
C LYS A 273 -6.73 -25.74 8.12
N ASN A 274 -5.71 -25.77 7.27
CA ASN A 274 -4.42 -26.33 7.67
C ASN A 274 -3.78 -25.40 8.69
N SER A 275 -4.17 -24.13 8.67
CA SER A 275 -3.65 -23.16 9.61
C SER A 275 -4.28 -23.37 10.98
N LYS A 276 -5.56 -23.71 11.00
CA LYS A 276 -6.25 -23.97 12.26
C LYS A 276 -5.66 -25.22 12.92
N GLU A 277 -5.31 -26.21 12.11
CA GLU A 277 -4.72 -27.45 12.61
C GLU A 277 -3.31 -27.17 13.10
N ALA A 278 -2.62 -26.26 12.44
CA ALA A 278 -1.25 -25.93 12.82
C ALA A 278 -1.18 -25.30 14.21
N ILE A 279 -2.30 -24.74 14.66
CA ILE A 279 -2.35 -24.11 15.98
C ILE A 279 -3.24 -24.86 16.96
N SER A 280 -3.83 -25.97 16.51
CA SER A 280 -4.74 -26.74 17.36
C SER A 280 -4.15 -27.11 18.71
N HIS A 281 -2.94 -27.64 18.72
CA HIS A 281 -2.28 -28.04 19.96
C HIS A 281 -2.27 -26.92 21.01
N LYS A 282 -2.16 -25.68 20.57
CA LYS A 282 -2.16 -24.53 21.48
C LYS A 282 -3.57 -24.20 21.98
N GLY A 283 -4.54 -24.95 21.49
CA GLY A 283 -5.92 -24.73 21.91
C GLY A 283 -6.47 -23.36 21.51
N LYS A 284 -7.33 -22.83 22.38
CA LYS A 284 -7.96 -21.53 22.15
C LYS A 284 -6.97 -20.37 22.23
N ASP A 285 -5.72 -20.66 22.60
CA ASP A 285 -4.71 -19.62 22.71
C ASP A 285 -4.05 -19.33 21.36
N GLY A 286 -4.09 -20.30 20.46
CA GLY A 286 -3.50 -20.12 19.14
C GLY A 286 -4.25 -19.10 18.31
N LYS A 287 -3.63 -18.63 17.23
CA LYS A 287 -4.26 -17.65 16.35
C LYS A 287 -3.62 -17.68 14.98
N VAL A 288 -4.36 -17.20 13.98
CA VAL A 288 -3.85 -17.11 12.63
C VAL A 288 -3.90 -15.63 12.27
N ILE A 289 -2.82 -15.13 11.69
CA ILE A 289 -2.74 -13.72 11.32
C ILE A 289 -2.73 -13.55 9.81
N ILE A 290 -3.76 -12.88 9.29
CA ILE A 290 -3.85 -12.65 7.85
C ILE A 290 -3.54 -11.21 7.53
N ILE A 291 -2.66 -11.00 6.56
CA ILE A 291 -2.33 -9.67 6.12
C ILE A 291 -2.68 -9.57 4.65
N ASP A 292 -3.76 -8.87 4.36
CA ASP A 292 -4.26 -8.67 3.00
C ASP A 292 -5.25 -7.52 3.07
N ILE A 293 -5.84 -7.18 1.93
CA ILE A 293 -6.80 -6.11 1.93
C ILE A 293 -8.20 -6.62 2.28
N SER A 294 -8.95 -5.78 2.96
CA SER A 294 -10.32 -6.11 3.33
C SER A 294 -11.14 -4.85 3.09
N ILE A 295 -12.08 -4.93 2.15
CA ILE A 295 -12.93 -3.81 1.82
C ILE A 295 -14.24 -3.92 2.60
N ASP A 296 -14.54 -2.91 3.40
CA ASP A 296 -15.77 -2.91 4.19
C ASP A 296 -16.69 -1.78 3.72
N GLU A 297 -17.59 -2.13 2.82
CA GLU A 297 -18.52 -1.16 2.24
C GLU A 297 -19.45 -0.50 3.27
N THR A 298 -19.71 -1.19 4.38
CA THR A 298 -20.60 -0.64 5.41
C THR A 298 -19.88 0.33 6.32
N SER A 299 -18.56 0.43 6.18
CA SER A 299 -17.77 1.33 7.00
C SER A 299 -18.29 2.76 6.90
N ASP A 300 -18.10 3.53 7.97
CA ASP A 300 -18.54 4.92 7.99
C ASP A 300 -17.48 5.82 7.35
N ASP A 301 -16.32 5.23 7.11
CA ASP A 301 -15.24 5.97 6.47
C ASP A 301 -15.37 5.68 4.97
N ARG A 302 -16.35 6.32 4.33
CA ARG A 302 -16.61 6.16 2.91
C ARG A 302 -15.32 6.35 2.10
N GLY A 303 -14.56 7.40 2.44
CA GLY A 303 -13.32 7.72 1.75
C GLY A 303 -12.35 6.54 1.75
N LEU A 304 -12.26 5.84 2.86
CA LEU A 304 -11.37 4.69 2.96
C LEU A 304 -11.86 3.58 2.04
N THR A 305 -13.16 3.35 2.03
CA THR A 305 -13.74 2.31 1.18
C THR A 305 -13.49 2.64 -0.28
N GLU A 306 -13.64 3.92 -0.63
CA GLU A 306 -13.43 4.38 -1.98
C GLU A 306 -11.98 4.12 -2.38
N LEU A 307 -11.07 4.45 -1.49
CA LEU A 307 -9.65 4.23 -1.72
C LEU A 307 -9.39 2.74 -1.91
N GLN A 308 -10.04 1.92 -1.09
CA GLN A 308 -9.86 0.47 -1.19
C GLN A 308 -10.41 -0.03 -2.51
N LEU A 309 -11.58 0.48 -2.89
CA LEU A 309 -12.18 0.09 -4.15
C LEU A 309 -11.33 0.64 -5.29
N ASP A 310 -10.76 1.83 -5.10
CA ASP A 310 -9.92 2.42 -6.13
C ASP A 310 -8.75 1.48 -6.38
N TYR A 311 -8.08 1.08 -5.30
CA TYR A 311 -6.94 0.18 -5.41
C TYR A 311 -7.38 -1.13 -6.06
N ASP A 312 -8.56 -1.60 -5.69
CA ASP A 312 -9.09 -2.82 -6.24
C ASP A 312 -9.21 -2.71 -7.76
N LEU A 313 -9.61 -1.53 -8.22
CA LEU A 313 -9.75 -1.32 -9.65
C LEU A 313 -8.38 -1.30 -10.34
N VAL A 314 -7.37 -0.86 -9.62
CA VAL A 314 -6.02 -0.81 -10.17
C VAL A 314 -5.56 -2.25 -10.36
N MET A 315 -5.85 -3.09 -9.36
CA MET A 315 -5.47 -4.49 -9.40
C MET A 315 -6.19 -5.13 -10.57
N LEU A 316 -7.44 -4.73 -10.76
CA LEU A 316 -8.25 -5.25 -11.83
C LEU A 316 -7.70 -4.87 -13.21
N THR A 317 -7.55 -3.57 -13.43
CA THR A 317 -7.07 -3.09 -14.72
C THR A 317 -5.65 -3.47 -15.08
N MET A 318 -4.81 -3.71 -14.08
CA MET A 318 -3.42 -4.05 -14.36
C MET A 318 -3.04 -5.51 -14.29
N PHE A 319 -3.70 -6.26 -13.42
CA PHE A 319 -3.37 -7.66 -13.23
C PHE A 319 -4.59 -8.57 -13.30
N LEU A 320 -5.76 -7.95 -13.35
CA LEU A 320 -7.00 -8.72 -13.38
C LEU A 320 -7.11 -9.43 -12.02
N GLY A 321 -6.45 -8.85 -11.02
CA GLY A 321 -6.49 -9.41 -9.69
C GLY A 321 -7.69 -8.87 -8.94
N LYS A 322 -7.88 -9.31 -7.71
CA LYS A 322 -9.00 -8.85 -6.90
C LYS A 322 -8.68 -8.82 -5.42
N GLU A 323 -9.42 -7.99 -4.70
CA GLU A 323 -9.27 -7.85 -3.27
C GLU A 323 -10.60 -8.29 -2.66
N ARG A 324 -10.55 -8.85 -1.46
CA ARG A 324 -11.74 -9.33 -0.81
C ARG A 324 -12.41 -8.30 0.09
N THR A 325 -13.72 -8.43 0.25
CA THR A 325 -14.48 -7.54 1.11
C THR A 325 -14.49 -8.17 2.51
N LYS A 326 -14.86 -7.39 3.52
CA LYS A 326 -14.91 -7.92 4.86
C LYS A 326 -15.78 -9.17 4.91
N GLN A 327 -16.90 -9.15 4.19
CA GLN A 327 -17.81 -10.30 4.19
C GLN A 327 -17.18 -11.56 3.61
N GLU A 328 -16.43 -11.42 2.52
CA GLU A 328 -15.77 -12.57 1.91
C GLU A 328 -14.79 -13.19 2.90
N TRP A 329 -14.11 -12.34 3.68
CA TRP A 329 -13.15 -12.82 4.66
C TRP A 329 -13.90 -13.56 5.78
N GLU A 330 -15.01 -13.00 6.21
CA GLU A 330 -15.80 -13.61 7.27
C GLU A 330 -16.25 -15.02 6.87
N LYS A 331 -16.69 -15.17 5.62
CA LYS A 331 -17.14 -16.47 5.16
C LYS A 331 -16.01 -17.48 5.18
N LEU A 332 -14.84 -17.09 4.70
CA LEU A 332 -13.70 -17.99 4.70
C LEU A 332 -13.36 -18.36 6.14
N ILE A 333 -13.29 -17.34 6.99
CA ILE A 333 -12.95 -17.55 8.38
C ILE A 333 -13.90 -18.52 9.09
N TYR A 334 -15.20 -18.34 8.93
CA TYR A 334 -16.12 -19.23 9.60
C TYR A 334 -16.17 -20.59 8.92
N ASP A 335 -16.13 -20.61 7.59
CA ASP A 335 -16.14 -21.88 6.87
C ASP A 335 -14.94 -22.71 7.28
N ALA A 336 -13.86 -22.02 7.63
CA ALA A 336 -12.62 -22.68 8.04
C ALA A 336 -12.73 -23.29 9.43
N GLY A 337 -13.73 -22.88 10.20
CA GLY A 337 -13.91 -23.44 11.53
C GLY A 337 -13.55 -22.52 12.69
N PHE A 338 -13.11 -21.31 12.36
CA PHE A 338 -12.73 -20.35 13.38
C PHE A 338 -13.95 -19.75 14.08
N SER A 339 -13.75 -19.26 15.30
CA SER A 339 -14.83 -18.70 16.10
C SER A 339 -15.04 -17.21 15.98
N SER A 340 -13.94 -16.46 15.98
CA SER A 340 -14.02 -15.02 15.88
C SER A 340 -12.81 -14.48 15.13
N TYR A 341 -12.85 -13.19 14.82
CA TYR A 341 -11.76 -12.55 14.12
C TYR A 341 -11.81 -11.06 14.41
N LYS A 342 -10.68 -10.39 14.24
CA LYS A 342 -10.61 -8.95 14.47
C LYS A 342 -9.77 -8.31 13.37
N ILE A 343 -10.31 -7.25 12.77
CA ILE A 343 -9.60 -6.56 11.69
C ILE A 343 -8.97 -5.27 12.19
N THR A 344 -7.69 -5.12 11.87
CA THR A 344 -6.98 -3.91 12.27
C THR A 344 -6.44 -3.22 11.02
N PRO A 345 -6.92 -1.98 10.76
CA PRO A 345 -6.44 -1.25 9.59
C PRO A 345 -4.95 -0.95 9.71
N ILE A 346 -4.21 -1.18 8.63
CA ILE A 346 -2.78 -0.93 8.60
C ILE A 346 -2.39 -0.32 7.27
N SER A 347 -1.25 0.36 7.24
CA SER A 347 -0.73 0.94 6.03
C SER A 347 -1.74 1.71 5.17
N GLY A 348 -2.44 2.66 5.79
CA GLY A 348 -3.39 3.46 5.07
C GLY A 348 -4.68 2.81 4.61
N PHE A 349 -4.61 1.63 3.99
CA PHE A 349 -5.83 0.99 3.54
C PHE A 349 -5.80 -0.52 3.53
N LYS A 350 -4.72 -1.12 4.02
CA LYS A 350 -4.60 -2.58 4.07
C LYS A 350 -5.17 -3.06 5.41
N SER A 351 -5.18 -4.36 5.61
CA SER A 351 -5.72 -4.92 6.84
C SER A 351 -4.89 -6.01 7.48
N LEU A 352 -4.97 -6.11 8.79
CA LEU A 352 -4.30 -7.15 9.54
C LEU A 352 -5.46 -7.84 10.22
N ILE A 353 -5.65 -9.12 9.91
CA ILE A 353 -6.77 -9.86 10.49
C ILE A 353 -6.32 -10.93 11.47
N GLU A 354 -6.80 -10.80 12.70
CA GLU A 354 -6.51 -11.78 13.74
C GLU A 354 -7.68 -12.74 13.72
N VAL A 355 -7.38 -14.02 13.54
CA VAL A 355 -8.42 -15.06 13.46
C VAL A 355 -8.28 -16.04 14.64
N TYR A 356 -9.37 -16.26 15.35
CA TYR A 356 -9.34 -17.15 16.51
C TYR A 356 -10.15 -18.43 16.40
N PRO A 357 -9.56 -19.56 16.80
CA PRO A 357 -10.25 -20.85 16.74
C PRO A 357 -11.45 -20.89 17.69
#